data_8C6Y
#
_entry.id   8C6Y
#
_cell.length_a   47.878
_cell.length_b   58.889
_cell.length_c   177.793
_cell.angle_alpha   90
_cell.angle_beta   90
_cell.angle_gamma   90
#
_symmetry.space_group_name_H-M   'P 21 21 21'
#
loop_
_entity.id
_entity.type
_entity.pdbx_description
1 polymer 'Agrocinopine utilization periplasmic binding protein AccA'
2 non-polymer 1,2-ETHANEDIOL
3 water water
#
_entity_poly.entity_id   1
_entity_poly.type   'polypeptide(L)'
_entity_poly.pdbx_seq_one_letter_code
;MDRRALRIGVNGLPPSLEPINGISNTGPRIINQIFDALIRRDYFADGAKGNNIKLVPALAESFERIDDKSIRFKLRQGVK
FHNGAEMTAEDVAFTFSSERLWGDEAIKTVPNGRNFSPNWDEPVVEDKYTVVLRTKTPSYLIEKYLGSWLGPIVPKEYYK
SLGAVAFGNKPIGTGPYKFRELVANDHVTLEANDGYWGDKPTASTITYQVVAEPATRVAGLISGEYDIITTLTPDDMALV
DGYSDLETRGTLIENLHMFTFNMNQPIFQNKTLRRALALAVNRPLIVEALWKNKASIPNGFNFPHYGATYDPKRKPMEFN
LKEAKRLVKESGYDGTPITYHTMGNYYANAVPALMMMIEMWKAAGITVVPKIFAPGTTPKDSDILIRNWSNGQWLTDGLT
TMVSEFGPGRGVQKRWGWKAPAEFNNLCDQVAQLKDGEERSAAFNRLRDIFEDEAPAVLMYQPYDVYAARKDVQWSPVSF
ETMEFRGNLNFKHHHHHH
;
_entity_poly.pdbx_strand_id   A
#
loop_
_chem_comp.id
_chem_comp.type
_chem_comp.name
_chem_comp.formula
EDO non-polymer 1,2-ETHANEDIOL 'C2 H6 O2'
#
# COMPACT_ATOMS: atom_id res chain seq x y z
N ASP A 2 15.51 -31.99 -1.79
CA ASP A 2 15.82 -31.72 -0.38
C ASP A 2 15.00 -30.56 0.21
N ARG A 3 14.54 -29.59 -0.62
CA ARG A 3 13.74 -28.45 -0.13
C ARG A 3 12.28 -28.63 -0.51
N ARG A 4 11.39 -28.30 0.41
CA ARG A 4 9.95 -28.40 0.15
C ARG A 4 9.49 -27.28 -0.78
N ALA A 5 8.47 -27.58 -1.60
CA ALA A 5 7.82 -26.59 -2.44
C ALA A 5 6.82 -25.86 -1.55
N LEU A 6 6.63 -24.56 -1.76
CA LEU A 6 5.70 -23.76 -0.99
C LEU A 6 4.51 -23.40 -1.88
N ARG A 7 3.28 -23.70 -1.40
CA ARG A 7 2.05 -23.42 -2.12
C ARG A 7 1.23 -22.41 -1.33
N ILE A 8 0.93 -21.25 -1.95
CA ILE A 8 0.18 -20.19 -1.31
C ILE A 8 -1.15 -20.00 -2.06
N GLY A 9 -2.26 -20.18 -1.34
CA GLY A 9 -3.60 -19.92 -1.86
C GLY A 9 -3.85 -18.43 -1.69
N VAL A 10 -3.96 -17.71 -2.81
CA VAL A 10 -4.13 -16.26 -2.84
C VAL A 10 -5.50 -15.82 -3.41
N ASN A 11 -5.92 -14.60 -3.03
CA ASN A 11 -7.14 -13.94 -3.50
C ASN A 11 -7.09 -13.57 -5.00
N GLY A 12 -5.92 -13.28 -5.53
CA GLY A 12 -5.77 -12.89 -6.92
C GLY A 12 -4.33 -12.65 -7.32
N LEU A 13 -4.12 -12.37 -8.61
CA LEU A 13 -2.79 -12.06 -9.13
C LEU A 13 -2.76 -10.61 -9.61
N PRO A 14 -1.59 -9.92 -9.56
CA PRO A 14 -1.55 -8.54 -10.05
C PRO A 14 -1.76 -8.46 -11.57
N PRO A 15 -2.02 -7.27 -12.15
CA PRO A 15 -2.13 -7.19 -13.62
C PRO A 15 -0.77 -7.29 -14.34
N SER A 16 0.33 -7.17 -13.60
CA SER A 16 1.67 -7.23 -14.14
C SER A 16 2.66 -7.58 -13.04
N LEU A 17 3.81 -8.18 -13.41
CA LEU A 17 4.88 -8.45 -12.48
C LEU A 17 6.04 -7.44 -12.66
N GLU A 18 5.87 -6.39 -13.52
CA GLU A 18 6.79 -5.26 -13.63
C GLU A 18 6.63 -4.51 -12.27
N PRO A 19 7.71 -4.11 -11.60
CA PRO A 19 7.57 -3.58 -10.22
C PRO A 19 6.53 -2.50 -9.93
N ILE A 20 6.39 -1.52 -10.83
CA ILE A 20 5.47 -0.41 -10.58
C ILE A 20 4.08 -0.74 -11.08
N ASN A 21 3.97 -1.24 -12.33
CA ASN A 21 2.67 -1.63 -12.87
C ASN A 21 2.00 -2.77 -12.11
N GLY A 22 2.77 -3.54 -11.34
CA GLY A 22 2.23 -4.61 -10.51
C GLY A 22 1.83 -4.21 -9.12
N ILE A 23 2.00 -2.91 -8.75
CA ILE A 23 1.59 -2.38 -7.45
C ILE A 23 0.06 -2.56 -7.29
N SER A 24 -0.33 -3.22 -6.20
CA SER A 24 -1.68 -3.72 -5.92
C SER A 24 -1.67 -4.47 -4.57
N ASN A 25 -2.81 -4.96 -4.10
CA ASN A 25 -2.86 -5.80 -2.89
C ASN A 25 -2.15 -7.18 -3.14
N THR A 26 -2.13 -7.66 -4.38
CA THR A 26 -1.63 -9.00 -4.74
C THR A 26 -0.23 -9.10 -5.38
N GLY A 27 0.31 -8.00 -5.87
CA GLY A 27 1.61 -7.99 -6.55
C GLY A 27 2.86 -8.00 -5.70
N PRO A 28 3.00 -7.10 -4.70
CA PRO A 28 4.22 -7.10 -3.87
C PRO A 28 4.63 -8.47 -3.31
N ARG A 29 3.67 -9.29 -2.85
CA ARG A 29 4.01 -10.63 -2.35
C ARG A 29 4.76 -11.51 -3.36
N ILE A 30 4.66 -11.22 -4.67
CA ILE A 30 5.39 -11.96 -5.69
C ILE A 30 6.64 -11.15 -6.09
N ILE A 31 6.47 -9.85 -6.40
CA ILE A 31 7.58 -8.94 -6.81
C ILE A 31 8.75 -8.94 -5.80
N ASN A 32 8.42 -8.96 -4.49
CA ASN A 32 9.44 -8.97 -3.43
C ASN A 32 10.36 -10.21 -3.49
N GLN A 33 9.97 -11.27 -4.20
CA GLN A 33 10.78 -12.47 -4.34
C GLN A 33 11.64 -12.42 -5.58
N ILE A 34 11.15 -11.81 -6.66
CA ILE A 34 11.88 -11.75 -7.93
C ILE A 34 12.93 -10.65 -7.91
N PHE A 35 12.66 -9.56 -7.18
CA PHE A 35 13.53 -8.42 -7.19
C PHE A 35 14.12 -8.05 -5.82
N ASP A 36 15.15 -7.20 -5.86
CA ASP A 36 15.74 -6.54 -4.70
C ASP A 36 15.76 -5.04 -5.02
N ALA A 37 15.75 -4.22 -3.97
CA ALA A 37 15.91 -2.78 -4.05
C ALA A 37 17.33 -2.45 -3.50
N LEU A 38 17.75 -1.18 -3.61
CA LEU A 38 19.02 -0.74 -3.05
C LEU A 38 18.97 -0.79 -1.52
N ILE A 39 17.79 -0.56 -0.93
CA ILE A 39 17.56 -0.53 0.50
C ILE A 39 16.40 -1.48 0.81
N ARG A 40 16.47 -2.17 1.95
CA ARG A 40 15.43 -3.09 2.38
C ARG A 40 14.87 -2.67 3.72
N ARG A 41 13.55 -2.77 3.85
CA ARG A 41 12.90 -2.52 5.12
C ARG A 41 13.09 -3.82 5.92
N ASP A 42 13.70 -3.72 7.10
CA ASP A 42 13.97 -4.87 7.96
C ASP A 42 12.88 -4.94 9.02
N TYR A 43 11.76 -5.59 8.66
CA TYR A 43 10.55 -5.69 9.48
C TYR A 43 10.74 -6.37 10.85
N PHE A 44 11.61 -7.37 10.94
CA PHE A 44 11.82 -8.12 12.18
C PHE A 44 13.05 -7.69 12.98
N ALA A 45 13.72 -6.56 12.61
CA ALA A 45 14.90 -6.09 13.31
C ALA A 45 14.56 -5.75 14.77
N ASP A 46 15.50 -6.02 15.68
CA ASP A 46 15.37 -5.74 17.11
C ASP A 46 14.17 -6.47 17.77
N GLY A 47 13.88 -7.69 17.35
CA GLY A 47 12.75 -8.45 17.90
C GLY A 47 11.35 -7.93 17.58
N ALA A 48 11.20 -6.96 16.66
CA ALA A 48 9.88 -6.41 16.32
C ALA A 48 9.00 -7.46 15.65
N LYS A 49 7.68 -7.37 15.87
CA LYS A 49 6.72 -8.31 15.28
C LYS A 49 6.32 -7.87 13.85
N GLY A 50 7.30 -7.88 12.96
CA GLY A 50 7.12 -7.59 11.54
C GLY A 50 6.69 -6.20 11.16
N ASN A 51 6.79 -5.23 12.07
CA ASN A 51 6.36 -3.87 11.81
C ASN A 51 7.46 -2.82 11.93
N ASN A 52 8.74 -3.23 12.00
CA ASN A 52 9.82 -2.27 12.16
C ASN A 52 9.99 -1.48 10.86
N ILE A 53 10.31 -0.18 10.99
CA ILE A 53 10.56 0.71 9.86
C ILE A 53 12.06 0.91 9.58
N LYS A 54 12.94 0.14 10.24
CA LYS A 54 14.38 0.25 10.05
C LYS A 54 14.73 -0.08 8.62
N LEU A 55 15.52 0.78 7.97
CA LEU A 55 15.98 0.58 6.61
C LEU A 55 17.43 0.18 6.62
N VAL A 56 17.79 -0.86 5.84
CA VAL A 56 19.16 -1.38 5.78
C VAL A 56 19.66 -1.45 4.34
N PRO A 57 20.98 -1.37 4.03
CA PRO A 57 21.40 -1.56 2.64
C PRO A 57 21.07 -2.97 2.14
N ALA A 58 20.73 -3.09 0.86
CA ALA A 58 20.41 -4.36 0.22
C ALA A 58 21.28 -4.45 -1.06
N LEU A 59 20.86 -4.04 -2.31
CA LEU A 59 21.77 -4.09 -3.45
C LEU A 59 22.89 -3.05 -3.36
N ALA A 60 22.72 -2.00 -2.53
CA ALA A 60 23.77 -1.05 -2.26
C ALA A 60 24.68 -1.64 -1.16
N GLU A 61 26.00 -1.73 -1.40
CA GLU A 61 26.95 -2.17 -0.39
C GLU A 61 27.00 -1.09 0.72
N SER A 62 27.04 0.19 0.31
CA SER A 62 27.03 1.34 1.22
C SER A 62 26.45 2.56 0.49
N PHE A 63 26.07 3.60 1.24
CA PHE A 63 25.57 4.83 0.67
C PHE A 63 25.76 6.01 1.62
N GLU A 64 25.86 7.21 1.07
CA GLU A 64 26.03 8.43 1.86
C GLU A 64 25.18 9.51 1.25
N ARG A 65 24.35 10.18 2.07
CA ARG A 65 23.59 11.34 1.63
C ARG A 65 24.62 12.46 1.53
N ILE A 66 24.83 13.03 0.34
CA ILE A 66 25.87 14.05 0.14
C ILE A 66 25.32 15.50 0.25
N ASP A 67 24.00 15.69 0.10
CA ASP A 67 23.37 17.01 0.28
C ASP A 67 21.84 16.83 0.50
N ASP A 68 21.08 17.91 0.65
CA ASP A 68 19.63 17.83 0.90
C ASP A 68 18.82 17.18 -0.25
N LYS A 69 19.46 16.85 -1.40
CA LYS A 69 18.76 16.23 -2.52
C LYS A 69 19.53 15.11 -3.26
N SER A 70 20.67 14.61 -2.73
CA SER A 70 21.46 13.62 -3.44
C SER A 70 22.01 12.55 -2.52
N ILE A 71 22.08 11.30 -3.03
CA ILE A 71 22.68 10.18 -2.31
C ILE A 71 23.62 9.43 -3.25
N ARG A 72 24.89 9.25 -2.81
CA ARG A 72 25.86 8.48 -3.57
C ARG A 72 25.74 7.03 -3.11
N PHE A 73 25.37 6.14 -4.03
CA PHE A 73 25.25 4.71 -3.78
C PHE A 73 26.48 3.96 -4.33
N LYS A 74 27.12 3.14 -3.48
CA LYS A 74 28.22 2.27 -3.85
C LYS A 74 27.57 0.88 -3.90
N LEU A 75 27.49 0.30 -5.09
CA LEU A 75 26.77 -0.94 -5.30
C LEU A 75 27.56 -2.17 -4.98
N ARG A 76 26.86 -3.27 -4.68
CA ARG A 76 27.52 -4.57 -4.52
C ARG A 76 28.02 -4.99 -5.90
N GLN A 77 29.21 -5.58 -5.96
CA GLN A 77 29.84 -5.94 -7.21
C GLN A 77 29.73 -7.44 -7.47
N GLY A 78 29.58 -7.82 -8.73
CA GLY A 78 29.45 -9.22 -9.12
C GLY A 78 28.09 -9.84 -8.89
N VAL A 79 27.06 -9.04 -8.54
CA VAL A 79 25.70 -9.55 -8.31
C VAL A 79 25.08 -9.74 -9.69
N LYS A 80 24.41 -10.90 -9.91
CA LYS A 80 23.78 -11.19 -11.20
C LYS A 80 22.26 -11.22 -11.15
N PHE A 81 21.67 -10.77 -12.25
CA PHE A 81 20.25 -10.90 -12.51
C PHE A 81 20.03 -12.38 -12.89
N HIS A 82 18.77 -12.79 -13.00
CA HIS A 82 18.42 -14.17 -13.29
C HIS A 82 18.83 -14.62 -14.71
N ASN A 83 19.01 -13.68 -15.66
CA ASN A 83 19.44 -13.99 -17.03
C ASN A 83 21.00 -14.01 -17.20
N GLY A 84 21.75 -13.96 -16.10
CA GLY A 84 23.21 -13.96 -16.15
C GLY A 84 23.85 -12.59 -16.23
N ALA A 85 23.08 -11.55 -16.55
CA ALA A 85 23.61 -10.19 -16.67
C ALA A 85 24.05 -9.66 -15.30
N GLU A 86 25.16 -8.91 -15.27
CA GLU A 86 25.65 -8.34 -14.02
C GLU A 86 24.92 -7.03 -13.72
N MET A 87 24.58 -6.84 -12.46
CA MET A 87 23.92 -5.65 -11.96
C MET A 87 24.99 -4.57 -11.83
N THR A 88 24.84 -3.46 -12.57
CA THR A 88 25.79 -2.32 -12.56
C THR A 88 25.04 -0.99 -12.34
N ALA A 89 25.77 0.14 -12.21
CA ALA A 89 25.21 1.48 -12.08
C ALA A 89 24.32 1.86 -13.26
N GLU A 90 24.53 1.28 -14.46
CA GLU A 90 23.66 1.56 -15.62
C GLU A 90 22.23 1.04 -15.35
N ASP A 91 22.10 -0.13 -14.72
CA ASP A 91 20.78 -0.67 -14.41
C ASP A 91 20.08 0.15 -13.33
N VAL A 92 20.80 0.55 -12.29
CA VAL A 92 20.21 1.35 -11.21
C VAL A 92 19.82 2.73 -11.77
N ALA A 93 20.68 3.33 -12.61
CA ALA A 93 20.34 4.60 -13.25
C ALA A 93 19.11 4.46 -14.14
N PHE A 94 18.99 3.36 -14.88
CA PHE A 94 17.83 3.10 -15.75
C PHE A 94 16.55 2.92 -14.92
N THR A 95 16.64 2.22 -13.79
CA THR A 95 15.47 2.02 -12.91
C THR A 95 14.82 3.36 -12.51
N PHE A 96 15.62 4.38 -12.13
CA PHE A 96 15.05 5.66 -11.72
C PHE A 96 15.29 6.76 -12.75
N SER A 97 15.23 6.39 -14.02
CA SER A 97 15.44 7.32 -15.14
C SER A 97 14.12 7.90 -15.63
N SER A 98 14.21 9.04 -16.31
CA SER A 98 13.04 9.64 -16.94
C SER A 98 12.55 8.73 -18.10
N GLU A 99 13.47 8.04 -18.81
CA GLU A 99 13.11 7.13 -19.89
C GLU A 99 12.19 5.99 -19.45
N ARG A 100 12.50 5.34 -18.30
CA ARG A 100 11.72 4.22 -17.80
C ARG A 100 10.59 4.58 -16.83
N LEU A 101 10.84 5.50 -15.88
CA LEU A 101 9.94 5.73 -14.76
C LEU A 101 9.13 7.05 -14.70
N TRP A 102 9.79 8.23 -14.71
CA TRP A 102 9.11 9.50 -14.42
C TRP A 102 9.00 10.50 -15.57
N GLY A 103 9.47 10.16 -16.76
CA GLY A 103 9.33 11.05 -17.91
C GLY A 103 7.92 11.04 -18.46
N ASP A 104 7.59 12.05 -19.27
CA ASP A 104 6.27 12.17 -19.91
C ASP A 104 5.94 10.96 -20.76
N GLU A 105 6.92 10.47 -21.52
CA GLU A 105 6.73 9.29 -22.36
C GLU A 105 6.61 8.01 -21.50
N ALA A 106 7.48 7.86 -20.49
CA ALA A 106 7.48 6.71 -19.58
C ALA A 106 6.14 6.44 -18.89
N ILE A 107 5.48 7.49 -18.35
CA ILE A 107 4.21 7.35 -17.62
C ILE A 107 3.02 6.92 -18.53
N LYS A 108 3.20 6.89 -19.86
CA LYS A 108 2.16 6.35 -20.76
C LYS A 108 2.21 4.79 -20.70
N THR A 109 3.35 4.17 -20.34
CA THR A 109 3.51 2.73 -20.22
C THR A 109 3.51 2.30 -18.72
N VAL A 110 4.03 3.17 -17.83
CA VAL A 110 4.12 2.97 -16.39
C VAL A 110 3.30 4.13 -15.76
N PRO A 111 1.93 4.11 -15.79
CA PRO A 111 1.16 5.29 -15.33
C PRO A 111 1.45 5.86 -13.95
N ASN A 112 1.93 5.07 -12.97
CA ASN A 112 2.22 5.60 -11.62
C ASN A 112 3.70 5.86 -11.35
N GLY A 113 4.51 5.97 -12.39
CA GLY A 113 5.94 6.22 -12.23
C GLY A 113 6.30 7.57 -11.63
N ARG A 114 5.55 8.61 -11.99
CA ARG A 114 5.76 9.94 -11.43
C ARG A 114 4.98 10.06 -10.09
N ASN A 115 3.81 9.43 -9.99
CA ASN A 115 2.99 9.46 -8.77
C ASN A 115 3.67 8.82 -7.56
N PHE A 116 4.37 7.69 -7.73
CA PHE A 116 5.04 7.03 -6.59
C PHE A 116 6.53 7.42 -6.42
N SER A 117 6.95 8.51 -7.07
CA SER A 117 8.32 8.98 -7.03
C SER A 117 8.41 10.34 -6.39
N PRO A 118 9.57 10.72 -5.78
CA PRO A 118 9.74 12.12 -5.40
C PRO A 118 10.01 12.92 -6.69
N ASN A 119 10.40 14.21 -6.58
CA ASN A 119 10.68 15.00 -7.77
C ASN A 119 12.07 14.64 -8.29
N TRP A 120 12.22 13.45 -8.88
CA TRP A 120 13.53 12.97 -9.36
C TRP A 120 14.20 13.86 -10.39
N ASP A 121 15.53 13.92 -10.33
CA ASP A 121 16.36 14.48 -11.36
C ASP A 121 17.03 13.23 -12.01
N GLU A 122 17.66 13.42 -13.19
CA GLU A 122 18.27 12.30 -13.89
C GLU A 122 19.39 11.64 -13.06
N PRO A 123 19.42 10.31 -12.85
CA PRO A 123 20.55 9.70 -12.12
C PRO A 123 21.90 9.96 -12.79
N VAL A 124 22.98 9.95 -12.00
CA VAL A 124 24.32 10.17 -12.53
C VAL A 124 25.17 8.95 -12.28
N VAL A 125 25.66 8.31 -13.35
CA VAL A 125 26.57 7.17 -13.24
C VAL A 125 28.01 7.73 -13.12
N GLU A 126 28.63 7.63 -11.94
CA GLU A 126 30.00 8.13 -11.72
C GLU A 126 31.05 7.10 -12.14
N ASP A 127 30.75 5.81 -11.95
CA ASP A 127 31.58 4.70 -12.42
C ASP A 127 30.74 3.40 -12.48
N LYS A 128 31.32 2.27 -12.92
CA LYS A 128 30.59 1.00 -13.07
C LYS A 128 29.71 0.63 -11.87
N TYR A 129 30.14 0.90 -10.63
CA TYR A 129 29.37 0.53 -9.44
C TYR A 129 28.98 1.71 -8.55
N THR A 130 28.95 2.95 -9.08
CA THR A 130 28.59 4.10 -8.26
C THR A 130 27.62 4.98 -9.01
N VAL A 131 26.49 5.31 -8.36
CA VAL A 131 25.45 6.13 -8.96
C VAL A 131 24.92 7.11 -7.92
N VAL A 132 24.65 8.35 -8.35
CA VAL A 132 24.03 9.35 -7.50
C VAL A 132 22.56 9.41 -7.90
N LEU A 133 21.66 9.16 -6.93
CA LEU A 133 20.23 9.30 -7.16
C LEU A 133 19.86 10.60 -6.49
N ARG A 134 19.21 11.48 -7.25
CA ARG A 134 18.96 12.83 -6.80
C ARG A 134 17.59 13.35 -7.19
N THR A 135 17.11 14.33 -6.42
CA THR A 135 15.84 15.02 -6.68
C THR A 135 16.13 16.48 -7.11
N LYS A 136 15.30 17.02 -8.01
CA LYS A 136 15.43 18.38 -8.55
C LYS A 136 15.32 19.46 -7.45
N THR A 137 14.45 19.23 -6.47
CA THR A 137 14.23 20.11 -5.32
C THR A 137 14.59 19.34 -4.03
N PRO A 138 14.73 20.01 -2.84
CA PRO A 138 15.11 19.25 -1.63
C PRO A 138 14.22 18.05 -1.28
N SER A 139 14.84 16.96 -0.84
CA SER A 139 14.10 15.77 -0.43
C SER A 139 14.88 14.93 0.56
N TYR A 140 14.41 14.89 1.81
CA TYR A 140 15.00 14.03 2.83
C TYR A 140 14.23 12.66 2.91
N LEU A 141 13.45 12.30 1.87
CA LEU A 141 12.72 11.05 1.79
C LEU A 141 13.28 10.09 0.72
N ILE A 142 14.43 10.38 0.10
CA ILE A 142 14.96 9.53 -0.98
C ILE A 142 15.24 8.11 -0.48
N GLU A 143 15.82 7.97 0.70
CA GLU A 143 16.10 6.67 1.30
C GLU A 143 14.81 5.87 1.53
N LYS A 144 13.76 6.52 2.05
CA LYS A 144 12.49 5.84 2.33
C LYS A 144 11.82 5.40 1.03
N TYR A 145 11.87 6.26 -0.02
CA TYR A 145 11.32 5.92 -1.33
C TYR A 145 12.03 4.72 -1.95
N LEU A 146 13.37 4.66 -1.83
CA LEU A 146 14.14 3.57 -2.41
C LEU A 146 14.00 2.27 -1.65
N GLY A 147 13.55 2.32 -0.39
CA GLY A 147 13.24 1.13 0.40
C GLY A 147 11.78 0.74 0.31
N SER A 148 10.99 1.41 -0.57
CA SER A 148 9.55 1.16 -0.75
C SER A 148 9.29 0.32 -2.05
N TRP A 149 8.00 0.06 -2.39
CA TRP A 149 7.66 -0.67 -3.61
C TRP A 149 8.09 0.05 -4.92
N LEU A 150 8.60 1.27 -4.82
CA LEU A 150 9.18 1.97 -5.98
C LEU A 150 10.59 1.41 -6.30
N GLY A 151 11.30 0.95 -5.26
CA GLY A 151 12.68 0.49 -5.27
C GLY A 151 13.19 -0.65 -6.12
N PRO A 152 12.43 -1.71 -6.48
CA PRO A 152 13.02 -2.83 -7.24
C PRO A 152 13.92 -2.43 -8.43
N ILE A 153 15.14 -2.99 -8.50
CA ILE A 153 16.10 -2.71 -9.57
C ILE A 153 15.86 -3.67 -10.74
N VAL A 154 15.73 -3.12 -11.95
CA VAL A 154 15.44 -3.89 -13.17
C VAL A 154 16.66 -3.98 -14.10
N PRO A 155 16.77 -5.02 -14.95
CA PRO A 155 17.92 -5.11 -15.88
C PRO A 155 17.73 -4.18 -17.08
N LYS A 156 18.60 -3.19 -17.32
CA LYS A 156 18.42 -2.25 -18.42
C LYS A 156 18.21 -2.90 -19.82
N GLU A 157 19.13 -3.76 -20.27
CA GLU A 157 19.08 -4.28 -21.63
C GLU A 157 17.95 -5.29 -21.87
N TYR A 158 17.68 -6.18 -20.92
CA TYR A 158 16.58 -7.13 -21.05
C TYR A 158 15.24 -6.37 -21.01
N TYR A 159 15.06 -5.49 -20.03
CA TYR A 159 13.84 -4.67 -19.88
C TYR A 159 13.57 -3.85 -21.16
N LYS A 160 14.59 -3.18 -21.72
CA LYS A 160 14.42 -2.41 -22.96
C LYS A 160 14.12 -3.27 -24.21
N SER A 161 14.63 -4.52 -24.32
CA SER A 161 14.34 -5.35 -25.50
C SER A 161 12.90 -5.91 -25.49
N LEU A 162 12.36 -6.22 -24.30
CA LEU A 162 10.98 -6.69 -24.16
C LEU A 162 9.98 -5.53 -24.06
N GLY A 163 10.35 -4.49 -23.34
CA GLY A 163 9.45 -3.38 -23.03
C GLY A 163 8.70 -3.67 -21.74
N ALA A 164 8.19 -2.64 -21.09
CA ALA A 164 7.49 -2.78 -19.80
C ALA A 164 6.38 -3.82 -19.78
N VAL A 165 5.53 -3.85 -20.84
CA VAL A 165 4.38 -4.77 -20.90
C VAL A 165 4.87 -6.22 -20.97
N ALA A 166 5.75 -6.55 -21.94
CA ALA A 166 6.25 -7.91 -22.06
C ALA A 166 7.14 -8.29 -20.87
N PHE A 167 7.94 -7.35 -20.33
CA PHE A 167 8.73 -7.60 -19.12
C PHE A 167 7.82 -8.02 -17.95
N GLY A 168 6.65 -7.39 -17.82
CA GLY A 168 5.68 -7.74 -16.78
C GLY A 168 5.17 -9.18 -16.83
N ASN A 169 5.25 -9.83 -18.01
CA ASN A 169 4.84 -11.23 -18.19
C ASN A 169 6.02 -12.22 -18.14
N LYS A 170 7.27 -11.75 -18.23
CA LYS A 170 8.48 -12.60 -18.13
C LYS A 170 9.56 -11.78 -17.34
N PRO A 171 9.31 -11.45 -16.04
CA PRO A 171 10.25 -10.58 -15.33
C PRO A 171 11.61 -11.20 -15.00
N ILE A 172 12.63 -10.34 -14.92
CA ILE A 172 14.00 -10.73 -14.54
C ILE A 172 14.46 -9.75 -13.47
N GLY A 173 14.88 -10.29 -12.33
CA GLY A 173 15.42 -9.49 -11.23
C GLY A 173 16.66 -10.13 -10.63
N THR A 174 17.10 -9.61 -9.48
CA THR A 174 18.24 -10.18 -8.75
C THR A 174 17.81 -11.03 -7.53
N GLY A 175 16.51 -11.06 -7.21
CA GLY A 175 15.96 -11.68 -6.01
C GLY A 175 16.12 -13.16 -5.76
N PRO A 176 15.70 -13.61 -4.57
CA PRO A 176 15.91 -15.02 -4.20
C PRO A 176 15.12 -16.06 -5.00
N TYR A 177 14.08 -15.65 -5.74
CA TYR A 177 13.31 -16.59 -6.54
C TYR A 177 13.15 -16.03 -7.95
N LYS A 178 13.39 -16.88 -8.95
CA LYS A 178 13.29 -16.47 -10.34
C LYS A 178 11.94 -16.89 -10.94
N PHE A 179 11.49 -16.11 -11.91
CA PHE A 179 10.24 -16.39 -12.60
C PHE A 179 10.32 -17.69 -13.40
N ARG A 180 9.31 -18.57 -13.25
CA ARG A 180 9.24 -19.80 -14.04
C ARG A 180 8.04 -19.69 -14.99
N GLU A 181 6.82 -19.45 -14.47
CA GLU A 181 5.65 -19.37 -15.32
C GLU A 181 4.52 -18.51 -14.73
N LEU A 182 3.68 -18.00 -15.63
CA LEU A 182 2.49 -17.26 -15.30
C LEU A 182 1.34 -17.84 -16.16
N VAL A 183 0.19 -18.07 -15.55
CA VAL A 183 -1.05 -18.41 -16.21
C VAL A 183 -1.99 -17.33 -15.70
N ALA A 184 -2.35 -16.36 -16.58
CA ALA A 184 -3.20 -15.21 -16.24
C ALA A 184 -4.46 -15.60 -15.46
N ASN A 185 -4.68 -14.91 -14.32
CA ASN A 185 -5.80 -15.11 -13.40
C ASN A 185 -5.82 -16.50 -12.75
N ASP A 186 -4.72 -17.28 -12.82
CA ASP A 186 -4.67 -18.62 -12.24
C ASP A 186 -3.50 -18.81 -11.28
N HIS A 187 -2.24 -18.73 -11.77
CA HIS A 187 -1.09 -18.94 -10.91
C HIS A 187 0.20 -18.34 -11.45
N VAL A 188 1.15 -18.13 -10.53
CA VAL A 188 2.52 -17.71 -10.80
C VAL A 188 3.39 -18.72 -10.07
N THR A 189 4.37 -19.29 -10.76
CA THR A 189 5.33 -20.19 -10.12
C THR A 189 6.71 -19.55 -10.25
N LEU A 190 7.43 -19.52 -9.14
CA LEU A 190 8.81 -19.07 -9.06
C LEU A 190 9.65 -20.26 -8.59
N GLU A 191 10.94 -20.27 -8.96
CA GLU A 191 11.86 -21.31 -8.53
C GLU A 191 13.06 -20.69 -7.83
N ALA A 192 13.64 -21.42 -6.87
CA ALA A 192 14.81 -20.97 -6.12
C ALA A 192 15.94 -20.42 -7.00
N ASN A 193 16.48 -19.26 -6.63
CA ASN A 193 17.63 -18.69 -7.32
C ASN A 193 18.83 -19.05 -6.41
N ASP A 194 19.52 -20.15 -6.75
CA ASP A 194 20.67 -20.58 -5.98
C ASP A 194 21.94 -19.73 -6.24
N GLY A 195 21.90 -18.82 -7.23
CA GLY A 195 22.94 -17.83 -7.46
C GLY A 195 22.71 -16.52 -6.72
N TYR A 196 21.77 -16.51 -5.75
CA TYR A 196 21.39 -15.31 -5.02
C TYR A 196 22.50 -14.80 -4.11
N TRP A 197 22.80 -13.50 -4.23
CA TRP A 197 23.82 -12.81 -3.42
C TRP A 197 23.53 -12.90 -1.92
N GLY A 198 22.27 -12.96 -1.54
CA GLY A 198 21.88 -13.06 -0.13
C GLY A 198 21.86 -14.50 0.33
N ASP A 199 21.04 -14.80 1.35
CA ASP A 199 20.97 -16.14 1.91
C ASP A 199 20.33 -17.10 0.92
N LYS A 200 20.68 -18.38 1.02
CA LYS A 200 20.11 -19.39 0.13
C LYS A 200 18.58 -19.44 0.25
N PRO A 201 17.82 -19.44 -0.87
CA PRO A 201 16.35 -19.61 -0.77
C PRO A 201 16.00 -20.94 -0.08
N THR A 202 15.02 -20.93 0.84
CA THR A 202 14.65 -22.15 1.59
C THR A 202 13.56 -22.99 0.92
N ALA A 203 12.78 -22.45 -0.06
CA ALA A 203 11.79 -23.24 -0.80
C ALA A 203 12.37 -23.59 -2.18
N SER A 204 12.07 -24.80 -2.68
CA SER A 204 12.50 -25.20 -4.02
C SER A 204 11.68 -24.37 -5.04
N THR A 205 10.36 -24.24 -4.80
CA THR A 205 9.46 -23.41 -5.63
C THR A 205 8.42 -22.66 -4.77
N ILE A 206 7.86 -21.57 -5.29
CA ILE A 206 6.77 -20.87 -4.64
C ILE A 206 5.67 -20.72 -5.72
N THR A 207 4.49 -21.26 -5.45
CA THR A 207 3.36 -21.12 -6.36
C THR A 207 2.28 -20.29 -5.66
N TYR A 208 1.82 -19.22 -6.33
CA TYR A 208 0.73 -18.37 -5.85
C TYR A 208 -0.47 -18.79 -6.69
N GLN A 209 -1.41 -19.53 -6.10
CA GLN A 209 -2.59 -20.08 -6.79
C GLN A 209 -3.82 -19.25 -6.44
N VAL A 210 -4.51 -18.74 -7.44
CA VAL A 210 -5.74 -17.97 -7.22
C VAL A 210 -6.87 -18.91 -6.80
N VAL A 211 -7.44 -18.63 -5.62
CA VAL A 211 -8.61 -19.28 -5.08
C VAL A 211 -9.49 -18.12 -4.59
N ALA A 212 -10.41 -17.65 -5.43
CA ALA A 212 -11.25 -16.49 -5.15
C ALA A 212 -12.11 -16.54 -3.88
N GLU A 213 -12.73 -17.69 -3.59
CA GLU A 213 -13.62 -17.80 -2.44
C GLU A 213 -12.86 -18.07 -1.14
N PRO A 214 -12.99 -17.22 -0.09
CA PRO A 214 -12.29 -17.52 1.17
C PRO A 214 -12.51 -18.94 1.71
N ALA A 215 -13.75 -19.46 1.66
CA ALA A 215 -14.07 -20.81 2.15
C ALA A 215 -13.34 -21.91 1.39
N THR A 216 -13.28 -21.81 0.05
CA THR A 216 -12.54 -22.77 -0.80
C THR A 216 -11.03 -22.72 -0.48
N ARG A 217 -10.51 -21.53 -0.17
CA ARG A 217 -9.13 -21.32 0.22
C ARG A 217 -8.87 -21.99 1.57
N VAL A 218 -9.79 -21.84 2.55
CA VAL A 218 -9.68 -22.47 3.88
C VAL A 218 -9.74 -24.01 3.73
N ALA A 219 -10.60 -24.51 2.84
CA ALA A 219 -10.73 -25.94 2.54
C ALA A 219 -9.43 -26.51 1.95
N GLY A 220 -8.78 -25.76 1.06
CA GLY A 220 -7.51 -26.15 0.46
C GLY A 220 -6.39 -26.27 1.49
N LEU A 221 -6.37 -25.41 2.50
CA LEU A 221 -5.37 -25.49 3.57
C LEU A 221 -5.64 -26.71 4.45
N ILE A 222 -6.91 -27.00 4.73
CA ILE A 222 -7.30 -28.15 5.53
C ILE A 222 -6.89 -29.46 4.83
N SER A 223 -7.18 -29.57 3.53
CA SER A 223 -6.89 -30.78 2.77
C SER A 223 -5.40 -31.02 2.40
N GLY A 224 -4.58 -29.99 2.42
CA GLY A 224 -3.17 -30.12 2.02
C GLY A 224 -2.85 -29.60 0.62
N GLU A 225 -3.77 -28.85 0.01
CA GLU A 225 -3.51 -28.21 -1.29
C GLU A 225 -2.59 -26.99 -1.09
N TYR A 226 -2.67 -26.30 0.08
CA TYR A 226 -1.91 -25.08 0.33
C TYR A 226 -1.22 -25.13 1.68
N ASP A 227 -0.06 -24.50 1.73
CA ASP A 227 0.79 -24.34 2.90
C ASP A 227 0.42 -23.05 3.67
N ILE A 228 0.20 -21.96 2.92
CA ILE A 228 -0.21 -20.65 3.48
C ILE A 228 -1.38 -20.14 2.63
N ILE A 229 -2.34 -19.46 3.27
CA ILE A 229 -3.48 -18.86 2.58
C ILE A 229 -3.61 -17.41 3.04
N THR A 230 -3.95 -16.54 2.11
CA THR A 230 -4.04 -15.10 2.33
C THR A 230 -5.51 -14.64 2.39
N THR A 231 -5.71 -13.35 2.77
CA THR A 231 -6.94 -12.57 2.63
C THR A 231 -8.14 -13.13 3.40
N LEU A 232 -7.94 -13.47 4.66
CA LEU A 232 -9.03 -13.90 5.53
C LEU A 232 -9.37 -12.75 6.47
N THR A 233 -10.48 -12.86 7.19
CA THR A 233 -10.93 -11.81 8.11
C THR A 233 -10.98 -12.36 9.55
N PRO A 234 -11.04 -11.52 10.62
CA PRO A 234 -11.14 -12.10 11.98
C PRO A 234 -12.26 -13.14 12.19
N ASP A 235 -13.37 -13.04 11.42
CA ASP A 235 -14.46 -14.00 11.53
C ASP A 235 -14.07 -15.43 11.11
N ASP A 236 -12.98 -15.57 10.34
CA ASP A 236 -12.49 -16.89 9.87
C ASP A 236 -11.46 -17.52 10.81
N MET A 237 -11.05 -16.83 11.88
CA MET A 237 -10.00 -17.31 12.76
C MET A 237 -10.36 -18.56 13.59
N ALA A 238 -11.52 -18.55 14.27
CA ALA A 238 -11.94 -19.67 15.13
C ALA A 238 -11.97 -21.03 14.40
N LEU A 239 -12.47 -21.07 13.15
CA LEU A 239 -12.50 -22.33 12.41
C LEU A 239 -11.09 -22.85 12.16
N VAL A 240 -10.17 -22.00 11.70
CA VAL A 240 -8.82 -22.44 11.36
C VAL A 240 -8.03 -22.82 12.62
N ASP A 241 -8.08 -21.97 13.66
CA ASP A 241 -7.37 -22.22 14.91
C ASP A 241 -7.84 -23.46 15.66
N GLY A 242 -9.05 -23.95 15.38
CA GLY A 242 -9.57 -25.15 15.99
C GLY A 242 -8.78 -26.39 15.61
N TYR A 243 -8.31 -26.43 14.34
CA TYR A 243 -7.49 -27.55 13.84
C TYR A 243 -6.13 -27.50 14.51
N SER A 244 -5.64 -28.66 14.96
CA SER A 244 -4.38 -28.77 15.70
C SER A 244 -3.12 -28.46 14.86
N ASP A 245 -3.10 -28.89 13.59
CA ASP A 245 -1.95 -28.68 12.71
C ASP A 245 -2.03 -27.39 11.85
N LEU A 246 -2.97 -26.47 12.16
CA LEU A 246 -3.16 -25.21 11.44
C LEU A 246 -3.34 -24.07 12.42
N GLU A 247 -2.99 -22.85 12.00
CA GLU A 247 -3.15 -21.67 12.84
C GLU A 247 -3.31 -20.40 12.01
N THR A 248 -3.86 -19.33 12.62
CA THR A 248 -3.97 -18.03 11.97
C THR A 248 -2.82 -17.15 12.41
N ARG A 249 -2.33 -16.35 11.48
CA ARG A 249 -1.25 -15.42 11.72
C ARG A 249 -1.72 -14.10 11.18
N GLY A 250 -2.24 -13.26 12.07
CA GLY A 250 -2.82 -12.00 11.69
C GLY A 250 -1.93 -10.82 12.02
N THR A 251 -2.20 -9.69 11.36
CA THR A 251 -1.46 -8.47 11.58
C THR A 251 -2.27 -7.24 11.15
N LEU A 252 -2.00 -6.13 11.81
CA LEU A 252 -2.59 -4.85 11.47
C LEU A 252 -1.72 -4.38 10.27
N ILE A 253 -2.36 -4.05 9.14
CA ILE A 253 -1.62 -3.66 7.94
C ILE A 253 -1.61 -2.16 7.72
N GLU A 254 -0.59 -1.69 7.00
CA GLU A 254 -0.40 -0.27 6.74
C GLU A 254 -1.27 0.11 5.55
N ASN A 255 -2.56 0.03 5.77
CA ASN A 255 -3.60 0.37 4.82
C ASN A 255 -4.68 1.11 5.58
N LEU A 256 -5.50 1.88 4.86
CA LEU A 256 -6.54 2.67 5.47
C LEU A 256 -7.86 2.55 4.72
N HIS A 257 -8.89 2.03 5.40
CA HIS A 257 -10.24 1.93 4.85
C HIS A 257 -10.93 3.26 5.11
N MET A 258 -11.56 3.80 4.07
CA MET A 258 -12.23 5.10 4.17
C MET A 258 -13.39 5.19 3.17
N PHE A 259 -14.13 6.30 3.24
CA PHE A 259 -15.10 6.67 2.24
C PHE A 259 -14.81 8.13 1.86
N THR A 260 -15.01 8.45 0.59
CA THR A 260 -14.71 9.75 0.05
C THR A 260 -15.86 10.22 -0.86
N PHE A 261 -15.78 11.49 -1.24
CA PHE A 261 -16.85 12.17 -1.94
C PHE A 261 -16.47 12.68 -3.32
N ASN A 262 -17.46 12.83 -4.19
CA ASN A 262 -17.28 13.48 -5.47
C ASN A 262 -17.68 14.90 -5.12
N MET A 263 -16.67 15.74 -4.86
CA MET A 263 -16.85 17.12 -4.41
C MET A 263 -17.21 18.10 -5.54
N ASN A 264 -17.29 17.62 -6.79
CA ASN A 264 -17.81 18.41 -7.89
C ASN A 264 -19.32 18.62 -7.62
N GLN A 265 -20.01 17.54 -7.14
CA GLN A 265 -21.45 17.48 -6.88
C GLN A 265 -21.93 18.60 -5.93
N PRO A 266 -23.08 19.28 -6.16
CA PRO A 266 -23.47 20.37 -5.25
C PRO A 266 -23.53 20.00 -3.76
N ILE A 267 -24.07 18.82 -3.46
CA ILE A 267 -24.24 18.37 -2.08
C ILE A 267 -22.88 18.19 -1.34
N PHE A 268 -21.76 17.96 -2.07
CA PHE A 268 -20.47 17.77 -1.42
C PHE A 268 -19.37 18.78 -1.82
N GLN A 269 -19.69 19.90 -2.50
CA GLN A 269 -18.66 20.92 -2.78
C GLN A 269 -18.25 21.63 -1.50
N ASN A 270 -19.21 21.86 -0.57
CA ASN A 270 -18.88 22.47 0.72
C ASN A 270 -18.45 21.39 1.69
N LYS A 271 -17.67 21.77 2.69
CA LYS A 271 -17.20 20.86 3.72
C LYS A 271 -18.27 20.55 4.79
N THR A 272 -19.29 21.40 4.92
CA THR A 272 -20.31 21.30 5.96
C THR A 272 -21.00 19.90 6.03
N LEU A 273 -21.50 19.35 4.91
CA LEU A 273 -22.16 18.03 4.95
C LEU A 273 -21.15 16.88 5.01
N ARG A 274 -19.96 17.08 4.43
CA ARG A 274 -18.89 16.09 4.46
C ARG A 274 -18.49 15.86 5.93
N ARG A 275 -18.31 16.96 6.69
CA ARG A 275 -18.00 16.90 8.12
C ARG A 275 -19.12 16.26 8.92
N ALA A 276 -20.39 16.53 8.57
CA ALA A 276 -21.53 15.95 9.29
C ALA A 276 -21.50 14.43 9.22
N LEU A 277 -21.26 13.88 8.01
CA LEU A 277 -21.18 12.44 7.83
C LEU A 277 -20.03 11.85 8.64
N ALA A 278 -18.89 12.55 8.70
CA ALA A 278 -17.74 12.12 9.48
C ALA A 278 -18.01 12.16 11.00
N LEU A 279 -18.57 13.26 11.52
CA LEU A 279 -18.84 13.41 12.94
C LEU A 279 -19.94 12.50 13.47
N ALA A 280 -20.71 11.84 12.59
CA ALA A 280 -21.80 10.95 12.98
C ALA A 280 -21.42 9.47 13.02
N VAL A 281 -20.24 9.11 12.45
CA VAL A 281 -19.80 7.71 12.39
C VAL A 281 -19.23 7.33 13.75
N ASN A 282 -19.71 6.22 14.33
CA ASN A 282 -19.24 5.70 15.60
C ASN A 282 -18.33 4.51 15.24
N ARG A 283 -17.04 4.80 15.09
CA ARG A 283 -16.08 3.80 14.64
C ARG A 283 -15.88 2.62 15.62
N PRO A 284 -15.77 2.83 16.97
CA PRO A 284 -15.60 1.66 17.86
C PRO A 284 -16.69 0.62 17.76
N LEU A 285 -17.96 1.02 17.59
CA LEU A 285 -19.06 0.08 17.43
C LEU A 285 -18.95 -0.73 16.13
N ILE A 286 -18.42 -0.15 15.04
CA ILE A 286 -18.25 -0.90 13.77
C ILE A 286 -17.11 -1.92 13.97
N VAL A 287 -15.98 -1.46 14.52
CA VAL A 287 -14.79 -2.29 14.76
C VAL A 287 -15.15 -3.45 15.74
N GLU A 288 -15.89 -3.15 16.81
CA GLU A 288 -16.35 -4.17 17.77
C GLU A 288 -17.25 -5.23 17.12
N ALA A 289 -18.27 -4.82 16.36
CA ALA A 289 -19.25 -5.76 15.79
C ALA A 289 -18.78 -6.59 14.62
N LEU A 290 -17.95 -6.03 13.72
CA LEU A 290 -17.55 -6.73 12.50
C LEU A 290 -16.09 -7.16 12.41
N TRP A 291 -15.19 -6.53 13.19
CA TRP A 291 -13.77 -6.86 13.13
C TRP A 291 -13.24 -7.53 14.41
N LYS A 292 -14.12 -8.01 15.32
CA LYS A 292 -13.71 -8.64 16.59
C LYS A 292 -12.76 -7.72 17.40
N ASN A 293 -12.91 -6.39 17.27
CA ASN A 293 -12.05 -5.40 17.91
C ASN A 293 -10.56 -5.48 17.45
N LYS A 294 -10.26 -6.21 16.36
CA LYS A 294 -8.89 -6.35 15.87
C LYS A 294 -8.45 -5.15 15.03
N ALA A 295 -9.37 -4.48 14.32
CA ALA A 295 -9.00 -3.29 13.54
C ALA A 295 -8.66 -2.13 14.48
N SER A 296 -7.78 -1.24 14.04
CA SER A 296 -7.37 -0.09 14.84
C SER A 296 -7.94 1.18 14.24
N ILE A 297 -8.39 2.10 15.09
CA ILE A 297 -8.95 3.37 14.62
C ILE A 297 -7.83 4.39 14.73
N PRO A 298 -7.31 4.94 13.60
CA PRO A 298 -6.18 5.87 13.73
C PRO A 298 -6.56 7.19 14.40
N ASN A 299 -5.64 7.74 15.20
CA ASN A 299 -5.87 9.02 15.88
C ASN A 299 -5.50 10.13 14.89
N GLY A 300 -6.30 10.23 13.83
CA GLY A 300 -6.09 11.14 12.72
C GLY A 300 -5.45 10.41 11.54
N PHE A 301 -5.04 11.16 10.49
CA PHE A 301 -4.37 10.56 9.31
C PHE A 301 -2.93 10.38 9.76
N ASN A 302 -2.75 9.43 10.66
CA ASN A 302 -1.60 9.28 11.51
C ASN A 302 -1.42 7.82 11.99
N PHE A 303 -0.27 7.19 11.62
CA PHE A 303 0.01 5.77 11.90
C PHE A 303 1.42 5.57 12.46
N PRO A 304 1.67 4.59 13.38
CA PRO A 304 3.05 4.43 13.91
C PRO A 304 4.18 4.31 12.88
N HIS A 305 3.98 3.56 11.78
CA HIS A 305 5.04 3.39 10.78
C HIS A 305 5.45 4.70 10.08
N TYR A 306 4.78 5.83 10.37
CA TYR A 306 5.22 7.12 9.84
C TYR A 306 6.56 7.60 10.48
N GLY A 307 6.99 6.98 11.59
CA GLY A 307 8.23 7.30 12.27
C GLY A 307 8.21 8.65 12.96
N ALA A 308 9.17 9.54 12.57
CA ALA A 308 9.30 10.88 13.13
C ALA A 308 8.02 11.72 13.01
N THR A 309 7.19 11.43 11.99
CA THR A 309 5.96 12.15 11.73
C THR A 309 4.72 11.43 12.29
N TYR A 310 4.88 10.44 13.19
CA TYR A 310 3.75 9.84 13.89
C TYR A 310 3.61 10.65 15.17
N ASP A 311 2.39 11.09 15.47
CA ASP A 311 2.11 11.83 16.68
C ASP A 311 1.31 10.93 17.62
N PRO A 312 1.92 10.30 18.64
CA PRO A 312 1.12 9.45 19.55
C PRO A 312 0.24 10.23 20.54
N LYS A 313 0.40 11.57 20.60
CA LYS A 313 -0.39 12.43 21.50
C LYS A 313 -1.60 13.08 20.81
N ARG A 314 -1.80 12.84 19.49
CA ARG A 314 -2.94 13.39 18.77
C ARG A 314 -4.18 12.65 19.26
N LYS A 315 -5.27 13.39 19.54
CA LYS A 315 -6.47 12.77 20.10
C LYS A 315 -7.32 12.04 19.02
N PRO A 316 -8.24 11.12 19.39
CA PRO A 316 -9.04 10.46 18.34
C PRO A 316 -9.91 11.40 17.52
N MET A 317 -10.34 10.92 16.34
CA MET A 317 -11.23 11.67 15.45
C MET A 317 -12.59 11.75 16.17
N GLU A 318 -13.18 12.94 16.22
CA GLU A 318 -14.39 13.22 16.98
C GLU A 318 -15.68 12.62 16.41
N PHE A 319 -16.51 12.08 17.31
CA PHE A 319 -17.86 11.55 17.06
C PHE A 319 -18.81 12.43 17.90
N ASN A 320 -19.37 13.49 17.26
CA ASN A 320 -20.28 14.45 17.89
C ASN A 320 -21.56 14.59 17.05
N LEU A 321 -22.67 13.95 17.50
CA LEU A 321 -23.93 13.97 16.78
C LEU A 321 -24.62 15.36 16.75
N LYS A 322 -24.61 16.13 17.86
CA LYS A 322 -25.21 17.47 17.84
C LYS A 322 -24.44 18.43 16.91
N GLU A 323 -23.11 18.27 16.80
CA GLU A 323 -22.34 19.10 15.86
C GLU A 323 -22.65 18.67 14.42
N ALA A 324 -22.88 17.37 14.18
CA ALA A 324 -23.24 16.87 12.85
C ALA A 324 -24.63 17.44 12.49
N LYS A 325 -25.62 17.33 13.40
CA LYS A 325 -26.97 17.88 13.19
C LYS A 325 -26.92 19.39 12.93
N ARG A 326 -26.04 20.16 13.62
CA ARG A 326 -25.89 21.60 13.35
C ARG A 326 -25.47 21.81 11.89
N LEU A 327 -24.50 21.02 11.40
CA LEU A 327 -23.99 21.11 10.04
C LEU A 327 -25.00 20.64 9.00
N VAL A 328 -25.78 19.58 9.28
CA VAL A 328 -26.80 19.08 8.34
C VAL A 328 -27.87 20.17 8.15
N LYS A 329 -28.30 20.81 9.26
CA LYS A 329 -29.30 21.88 9.18
C LYS A 329 -28.73 23.13 8.51
N GLU A 330 -27.52 23.55 8.88
CA GLU A 330 -26.90 24.75 8.29
C GLU A 330 -26.54 24.57 6.80
N SER A 331 -26.26 23.34 6.37
CA SER A 331 -25.93 23.06 4.97
C SER A 331 -27.10 23.26 4.00
N GLY A 332 -28.34 23.24 4.52
CA GLY A 332 -29.55 23.34 3.71
C GLY A 332 -29.99 22.01 3.12
N TYR A 333 -29.47 20.88 3.68
CA TYR A 333 -29.79 19.53 3.22
C TYR A 333 -31.29 19.30 3.35
N ASP A 334 -31.93 18.93 2.23
CA ASP A 334 -33.38 18.77 2.10
C ASP A 334 -33.88 17.32 2.17
N GLY A 335 -33.04 16.39 2.60
CA GLY A 335 -33.45 14.98 2.70
C GLY A 335 -33.34 14.16 1.42
N THR A 336 -32.72 14.71 0.36
CA THR A 336 -32.54 13.97 -0.90
C THR A 336 -31.67 12.72 -0.64
N PRO A 337 -32.00 11.51 -1.14
CA PRO A 337 -31.14 10.35 -0.86
C PRO A 337 -29.74 10.48 -1.48
N ILE A 338 -28.68 10.18 -0.68
CA ILE A 338 -27.30 10.24 -1.14
C ILE A 338 -26.85 8.80 -1.36
N THR A 339 -26.35 8.45 -2.54
CA THR A 339 -25.89 7.08 -2.79
C THR A 339 -24.46 6.86 -2.22
N TYR A 340 -24.16 5.59 -1.91
CA TYR A 340 -22.86 5.16 -1.44
C TYR A 340 -22.49 3.95 -2.29
N HIS A 341 -21.57 4.14 -3.26
CA HIS A 341 -21.13 3.06 -4.16
C HIS A 341 -20.15 2.15 -3.46
N THR A 342 -20.31 0.84 -3.64
CA THR A 342 -19.40 -0.17 -3.11
C THR A 342 -19.40 -1.36 -4.05
N MET A 343 -18.21 -1.89 -4.43
CA MET A 343 -18.14 -3.03 -5.33
C MET A 343 -18.29 -4.29 -4.48
N GLY A 344 -19.43 -4.41 -3.83
CA GLY A 344 -19.70 -5.52 -2.92
C GLY A 344 -18.77 -5.45 -1.75
N ASN A 345 -18.09 -6.56 -1.44
CA ASN A 345 -17.12 -6.61 -0.36
C ASN A 345 -15.73 -6.78 -0.96
N TYR A 346 -15.38 -5.91 -1.93
CA TYR A 346 -14.03 -5.83 -2.50
C TYR A 346 -13.07 -5.41 -1.34
N TYR A 347 -13.54 -4.53 -0.44
CA TYR A 347 -12.87 -4.19 0.80
C TYR A 347 -13.63 -5.01 1.86
N ALA A 348 -12.92 -5.80 2.68
CA ALA A 348 -13.55 -6.64 3.70
C ALA A 348 -14.56 -5.87 4.61
N ASN A 349 -15.75 -6.47 4.81
CA ASN A 349 -16.84 -5.92 5.62
C ASN A 349 -17.40 -4.59 5.09
N ALA A 350 -17.22 -4.27 3.79
CA ALA A 350 -17.72 -3.00 3.25
C ALA A 350 -19.26 -2.86 3.33
N VAL A 351 -20.01 -3.89 2.91
CA VAL A 351 -21.48 -3.83 2.94
C VAL A 351 -21.97 -3.82 4.41
N PRO A 352 -21.53 -4.74 5.31
CA PRO A 352 -21.95 -4.63 6.73
C PRO A 352 -21.60 -3.29 7.38
N ALA A 353 -20.38 -2.74 7.10
CA ALA A 353 -20.00 -1.45 7.70
C ALA A 353 -20.91 -0.36 7.18
N LEU A 354 -21.19 -0.36 5.86
CA LEU A 354 -22.11 0.60 5.27
C LEU A 354 -23.50 0.54 5.92
N MET A 355 -24.08 -0.66 6.10
CA MET A 355 -25.41 -0.76 6.72
C MET A 355 -25.43 -0.23 8.16
N MET A 356 -24.30 -0.30 8.87
CA MET A 356 -24.18 0.25 10.21
C MET A 356 -24.07 1.78 10.18
N MET A 357 -23.34 2.31 9.20
CA MET A 357 -23.15 3.76 9.03
C MET A 357 -24.46 4.45 8.58
N ILE A 358 -25.26 3.79 7.75
CA ILE A 358 -26.55 4.36 7.32
C ILE A 358 -27.47 4.67 8.54
N GLU A 359 -27.51 3.79 9.56
CA GLU A 359 -28.31 4.04 10.74
C GLU A 359 -27.76 5.15 11.61
N MET A 360 -26.43 5.29 11.65
CA MET A 360 -25.79 6.37 12.38
C MET A 360 -26.09 7.70 11.67
N TRP A 361 -26.07 7.69 10.33
CA TRP A 361 -26.35 8.85 9.49
C TRP A 361 -27.82 9.25 9.59
N LYS A 362 -28.74 8.27 9.70
CA LYS A 362 -30.17 8.52 9.91
C LYS A 362 -30.42 9.33 11.20
N ALA A 363 -29.62 9.11 12.27
CA ALA A 363 -29.76 9.89 13.51
C ALA A 363 -29.33 11.34 13.33
N ALA A 364 -28.39 11.62 12.40
CA ALA A 364 -28.01 13.00 12.11
C ALA A 364 -28.96 13.68 11.08
N GLY A 365 -30.06 13.02 10.72
CA GLY A 365 -31.02 13.54 9.75
C GLY A 365 -30.55 13.43 8.32
N ILE A 366 -29.69 12.45 8.00
CA ILE A 366 -29.14 12.29 6.64
C ILE A 366 -29.63 10.97 6.08
N THR A 367 -30.12 10.99 4.83
CA THR A 367 -30.61 9.80 4.15
C THR A 367 -29.58 9.31 3.15
N VAL A 368 -28.97 8.16 3.42
CA VAL A 368 -27.94 7.54 2.57
C VAL A 368 -28.44 6.17 2.16
N VAL A 369 -28.30 5.82 0.87
CA VAL A 369 -28.78 4.55 0.33
C VAL A 369 -27.64 3.72 -0.25
N PRO A 370 -27.61 2.37 -0.09
CA PRO A 370 -26.52 1.61 -0.73
C PRO A 370 -26.63 1.55 -2.23
N LYS A 371 -25.49 1.42 -2.90
CA LYS A 371 -25.45 1.27 -4.35
C LYS A 371 -24.37 0.22 -4.64
N ILE A 372 -24.75 -1.04 -4.42
CA ILE A 372 -23.84 -2.17 -4.60
C ILE A 372 -23.78 -2.53 -6.08
N PHE A 373 -22.61 -2.34 -6.70
CA PHE A 373 -22.39 -2.68 -8.11
C PHE A 373 -21.45 -3.88 -8.19
N ALA A 374 -21.80 -4.87 -9.03
CA ALA A 374 -21.00 -6.09 -9.15
C ALA A 374 -19.66 -5.84 -9.89
N PRO A 375 -18.59 -6.64 -9.65
CA PRO A 375 -17.33 -6.40 -10.39
C PRO A 375 -17.52 -6.55 -11.90
N GLY A 376 -17.07 -5.55 -12.64
CA GLY A 376 -17.23 -5.49 -14.09
C GLY A 376 -17.90 -4.19 -14.49
N THR A 377 -18.95 -3.80 -13.72
CA THR A 377 -19.70 -2.56 -13.95
C THR A 377 -18.83 -1.35 -13.58
N THR A 378 -18.42 -0.55 -14.57
CA THR A 378 -17.60 0.65 -14.34
C THR A 378 -18.53 1.86 -14.12
N PRO A 379 -18.78 2.36 -12.87
CA PRO A 379 -19.70 3.50 -12.74
C PRO A 379 -19.10 4.81 -13.23
N LYS A 380 -19.93 5.70 -13.76
CA LYS A 380 -19.49 7.01 -14.25
C LYS A 380 -19.27 7.95 -13.06
N ASP A 381 -18.27 8.86 -13.16
CA ASP A 381 -17.98 9.82 -12.08
C ASP A 381 -19.20 10.66 -11.69
N SER A 382 -19.96 11.15 -12.68
CA SER A 382 -21.18 11.93 -12.45
C SER A 382 -22.22 11.15 -11.62
N ASP A 383 -22.20 9.81 -11.66
CA ASP A 383 -23.14 8.99 -10.90
C ASP A 383 -22.69 8.81 -9.41
N ILE A 384 -21.48 9.27 -9.03
CA ILE A 384 -20.96 9.06 -7.68
C ILE A 384 -21.18 10.27 -6.76
N LEU A 385 -21.75 10.02 -5.57
CA LEU A 385 -21.92 10.98 -4.48
C LEU A 385 -20.85 10.56 -3.42
N ILE A 386 -21.09 9.45 -2.66
CA ILE A 386 -20.14 8.88 -1.71
C ILE A 386 -19.69 7.55 -2.32
N ARG A 387 -18.40 7.23 -2.15
CA ARG A 387 -17.85 5.94 -2.53
C ARG A 387 -16.84 5.49 -1.49
N ASN A 388 -16.74 4.18 -1.28
CA ASN A 388 -15.73 3.63 -0.39
C ASN A 388 -14.39 3.59 -1.16
N TRP A 389 -13.29 3.52 -0.44
CA TRP A 389 -11.93 3.52 -1.01
C TRP A 389 -10.94 3.02 0.03
N SER A 390 -9.74 2.65 -0.41
CA SER A 390 -8.66 2.28 0.50
C SER A 390 -7.36 2.90 0.00
N ASN A 391 -6.40 3.11 0.90
CA ASN A 391 -5.10 3.69 0.56
C ASN A 391 -4.01 2.97 1.33
N GLY A 392 -3.09 2.36 0.59
CA GLY A 392 -1.92 1.74 1.19
C GLY A 392 -1.01 2.86 1.67
N GLN A 393 -0.59 2.80 2.93
CA GLN A 393 0.27 3.84 3.53
C GLN A 393 1.69 3.31 3.26
N TRP A 394 2.15 3.51 2.02
CA TRP A 394 3.30 2.82 1.44
C TRP A 394 4.71 3.38 1.74
N LEU A 395 4.87 4.63 2.22
CA LEU A 395 6.18 5.08 2.70
C LEU A 395 6.16 4.90 4.22
N THR A 396 7.35 4.77 4.82
CA THR A 396 7.48 4.73 6.27
C THR A 396 7.62 6.20 6.70
N ASP A 397 6.60 6.98 6.36
CA ASP A 397 6.55 8.42 6.57
C ASP A 397 5.10 8.91 6.47
N GLY A 398 4.80 10.09 7.04
CA GLY A 398 3.48 10.69 7.00
C GLY A 398 3.05 11.22 5.64
N LEU A 399 3.98 11.36 4.68
CA LEU A 399 3.67 11.91 3.37
C LEU A 399 2.60 11.09 2.65
N THR A 400 2.67 9.75 2.75
CA THR A 400 1.70 8.89 2.08
C THR A 400 0.63 8.53 3.10
N THR A 401 -0.69 8.68 2.83
CA THR A 401 -1.29 9.17 1.58
C THR A 401 -1.91 10.54 1.70
N MET A 402 -1.90 11.20 2.88
CA MET A 402 -2.53 12.54 3.00
C MET A 402 -1.97 13.53 1.99
N VAL A 403 -0.64 13.57 1.81
CA VAL A 403 -0.04 14.48 0.85
C VAL A 403 -0.06 13.85 -0.56
N SER A 404 0.37 12.58 -0.68
CA SER A 404 0.49 11.91 -1.98
C SER A 404 -0.82 11.71 -2.77
N GLU A 405 -1.99 11.59 -2.09
CA GLU A 405 -3.29 11.42 -2.73
C GLU A 405 -4.16 12.70 -2.64
N PHE A 406 -4.22 13.34 -1.48
CA PHE A 406 -5.04 14.54 -1.27
C PHE A 406 -4.33 15.89 -1.55
N GLY A 407 -3.08 15.86 -2.00
CA GLY A 407 -2.32 17.07 -2.23
C GLY A 407 -2.54 17.75 -3.58
N PRO A 408 -1.84 18.87 -3.84
CA PRO A 408 -2.07 19.58 -5.11
C PRO A 408 -1.67 18.80 -6.35
N GLY A 409 -2.49 18.89 -7.39
CA GLY A 409 -2.27 18.19 -8.64
C GLY A 409 -2.64 16.73 -8.67
N ARG A 410 -3.21 16.21 -7.56
CA ARG A 410 -3.59 14.80 -7.48
C ARG A 410 -5.12 14.61 -7.62
N GLY A 411 -5.52 13.37 -7.90
CA GLY A 411 -6.89 12.97 -8.18
C GLY A 411 -8.01 13.49 -7.29
N VAL A 412 -7.79 13.59 -5.98
CA VAL A 412 -8.86 14.06 -5.08
C VAL A 412 -9.22 15.51 -5.39
N GLN A 413 -8.22 16.37 -5.66
CA GLN A 413 -8.47 17.77 -5.99
C GLN A 413 -8.79 17.96 -7.48
N LYS A 414 -7.96 17.41 -8.39
CA LYS A 414 -8.15 17.58 -9.83
C LYS A 414 -9.34 16.82 -10.43
N ARG A 415 -9.48 15.54 -10.11
CA ARG A 415 -10.58 14.72 -10.64
C ARG A 415 -11.86 14.85 -9.81
N TRP A 416 -11.76 14.71 -8.48
CA TRP A 416 -12.93 14.70 -7.61
C TRP A 416 -13.31 16.06 -7.02
N GLY A 417 -12.68 17.14 -7.48
CA GLY A 417 -13.06 18.50 -7.13
C GLY A 417 -12.89 19.02 -5.73
N TRP A 418 -11.96 18.47 -4.91
CA TRP A 418 -11.73 19.04 -3.58
C TRP A 418 -11.00 20.37 -3.72
N LYS A 419 -11.62 21.45 -3.22
CA LYS A 419 -11.00 22.77 -3.20
C LYS A 419 -10.35 22.86 -1.84
N ALA A 420 -9.08 22.43 -1.75
CA ALA A 420 -8.34 22.44 -0.50
C ALA A 420 -7.92 23.87 -0.12
N PRO A 421 -7.89 24.25 1.18
CA PRO A 421 -7.41 25.60 1.52
C PRO A 421 -5.97 25.83 1.06
N ALA A 422 -5.63 27.10 0.74
CA ALA A 422 -4.28 27.47 0.30
C ALA A 422 -3.16 26.94 1.21
N GLU A 423 -3.34 27.03 2.55
CA GLU A 423 -2.37 26.54 3.53
C GLU A 423 -2.07 25.04 3.35
N PHE A 424 -3.10 24.22 3.03
CA PHE A 424 -2.91 22.78 2.85
C PHE A 424 -1.95 22.51 1.70
N ASN A 425 -2.15 23.14 0.54
CA ASN A 425 -1.28 22.93 -0.61
C ASN A 425 0.09 23.57 -0.50
N ASN A 426 0.25 24.58 0.37
CA ASN A 426 1.55 25.18 0.64
C ASN A 426 2.30 24.26 1.61
N LEU A 427 1.63 23.75 2.66
CA LEU A 427 2.27 22.84 3.61
C LEU A 427 2.54 21.44 3.01
N CYS A 428 1.79 21.03 1.99
CA CYS A 428 2.02 19.73 1.34
C CYS A 428 3.38 19.76 0.62
N ASP A 429 3.62 20.81 -0.19
CA ASP A 429 4.86 21.01 -0.94
C ASP A 429 6.07 21.21 -0.01
N GLN A 430 5.83 21.82 1.17
CA GLN A 430 6.90 22.03 2.13
C GLN A 430 7.29 20.72 2.83
N VAL A 431 6.32 19.92 3.32
CA VAL A 431 6.68 18.66 4.01
C VAL A 431 7.40 17.68 3.09
N ALA A 432 7.23 17.75 1.76
CA ALA A 432 7.97 16.90 0.84
C ALA A 432 9.48 17.30 0.79
N GLN A 433 9.76 18.62 0.94
CA GLN A 433 11.11 19.20 0.91
C GLN A 433 11.83 19.29 2.27
N LEU A 434 11.08 19.36 3.36
CA LEU A 434 11.64 19.50 4.71
C LEU A 434 12.28 18.23 5.28
N LYS A 435 13.21 18.44 6.22
CA LYS A 435 13.89 17.40 6.98
C LYS A 435 13.07 17.14 8.26
N ASP A 436 13.13 15.92 8.80
CA ASP A 436 12.39 15.58 10.01
C ASP A 436 12.83 16.45 11.19
N GLY A 437 11.88 16.80 12.05
CA GLY A 437 12.11 17.64 13.21
C GLY A 437 10.82 18.27 13.73
N GLU A 438 10.93 19.38 14.46
CA GLU A 438 9.76 20.06 15.02
C GLU A 438 8.93 20.76 13.95
N GLU A 439 9.57 21.46 13.00
CA GLU A 439 8.86 22.16 11.95
C GLU A 439 8.00 21.19 11.10
N ARG A 440 8.60 20.10 10.56
CA ARG A 440 7.88 19.13 9.73
C ARG A 440 6.77 18.44 10.52
N SER A 441 7.04 17.98 11.75
CA SER A 441 6.02 17.33 12.57
C SER A 441 4.85 18.25 12.88
N ALA A 442 5.12 19.53 13.16
CA ALA A 442 4.07 20.49 13.43
C ALA A 442 3.26 20.75 12.16
N ALA A 443 3.94 20.85 11.00
CA ALA A 443 3.26 21.04 9.71
C ALA A 443 2.34 19.85 9.37
N PHE A 444 2.72 18.62 9.77
CA PHE A 444 1.86 17.44 9.55
C PHE A 444 0.61 17.49 10.45
N ASN A 445 0.65 18.20 11.59
CA ASN A 445 -0.53 18.36 12.44
C ASN A 445 -1.47 19.42 11.85
N ARG A 446 -0.95 20.53 11.26
CA ARG A 446 -1.83 21.50 10.62
C ARG A 446 -2.51 20.86 9.40
N LEU A 447 -1.76 20.03 8.65
CA LEU A 447 -2.33 19.29 7.52
C LEU A 447 -3.46 18.34 8.01
N ARG A 448 -3.23 17.64 9.13
CA ARG A 448 -4.23 16.73 9.71
C ARG A 448 -5.46 17.47 10.24
N ASP A 449 -5.25 18.63 10.92
CA ASP A 449 -6.36 19.47 11.43
C ASP A 449 -7.19 19.97 10.26
N ILE A 450 -6.53 20.48 9.18
CA ILE A 450 -7.23 20.97 8.00
C ILE A 450 -8.03 19.81 7.38
N PHE A 451 -7.41 18.63 7.23
CA PHE A 451 -8.04 17.44 6.66
C PHE A 451 -9.34 17.08 7.38
N GLU A 452 -9.33 17.03 8.72
CA GLU A 452 -10.52 16.69 9.50
C GLU A 452 -11.62 17.75 9.36
N ASP A 453 -11.26 19.04 9.36
CA ASP A 453 -12.24 20.11 9.21
C ASP A 453 -12.80 20.19 7.79
N GLU A 454 -12.02 19.79 6.78
CA GLU A 454 -12.48 19.82 5.38
C GLU A 454 -13.20 18.53 4.98
N ALA A 455 -12.82 17.39 5.58
CA ALA A 455 -13.36 16.07 5.32
C ALA A 455 -13.49 15.70 3.81
N PRO A 456 -12.40 15.79 3.00
CA PRO A 456 -12.50 15.30 1.61
C PRO A 456 -12.66 13.77 1.55
N ALA A 457 -12.28 13.08 2.64
CA ALA A 457 -12.52 11.69 2.92
C ALA A 457 -12.70 11.55 4.44
N VAL A 458 -13.29 10.45 4.85
CA VAL A 458 -13.50 10.12 6.24
C VAL A 458 -12.82 8.79 6.44
N LEU A 459 -11.90 8.76 7.37
CA LEU A 459 -11.12 7.57 7.65
C LEU A 459 -12.00 6.67 8.50
N MET A 460 -12.04 5.39 8.19
CA MET A 460 -12.85 4.45 8.94
C MET A 460 -11.94 3.73 9.94
N TYR A 461 -10.92 2.99 9.45
CA TYR A 461 -10.02 2.23 10.32
C TYR A 461 -8.82 1.62 9.52
N GLN A 462 -7.83 1.09 10.26
CA GLN A 462 -6.68 0.39 9.76
C GLN A 462 -7.10 -1.10 9.79
N PRO A 463 -7.27 -1.78 8.63
CA PRO A 463 -7.76 -3.16 8.68
C PRO A 463 -6.81 -4.17 9.28
N TYR A 464 -7.36 -5.27 9.79
CA TYR A 464 -6.59 -6.36 10.37
C TYR A 464 -6.60 -7.48 9.34
N ASP A 465 -5.44 -7.75 8.74
CA ASP A 465 -5.27 -8.77 7.73
C ASP A 465 -4.98 -10.10 8.40
N VAL A 466 -5.64 -11.16 7.94
CA VAL A 466 -5.48 -12.50 8.52
C VAL A 466 -4.99 -13.46 7.46
N TYR A 467 -3.90 -14.19 7.78
CA TYR A 467 -3.35 -15.26 6.97
C TYR A 467 -3.57 -16.55 7.79
N ALA A 468 -3.52 -17.69 7.13
CA ALA A 468 -3.55 -18.98 7.82
C ALA A 468 -2.48 -19.86 7.22
N ALA A 469 -1.84 -20.66 8.06
CA ALA A 469 -0.74 -21.49 7.61
C ALA A 469 -0.68 -22.81 8.37
N ARG A 470 0.04 -23.79 7.79
CA ARG A 470 0.25 -25.07 8.43
C ARG A 470 1.34 -24.82 9.49
N LYS A 471 1.18 -25.38 10.69
CA LYS A 471 2.16 -25.18 11.77
C LYS A 471 3.58 -25.63 11.42
N ASP A 472 3.75 -26.62 10.51
CA ASP A 472 5.10 -27.05 10.10
C ASP A 472 5.77 -26.09 9.09
N VAL A 473 5.19 -24.91 8.85
CA VAL A 473 5.73 -23.88 7.98
C VAL A 473 5.90 -22.69 8.90
N GLN A 474 7.14 -22.30 9.13
CA GLN A 474 7.50 -21.22 10.02
C GLN A 474 7.69 -19.97 9.17
N TRP A 475 6.74 -19.03 9.26
CA TRP A 475 6.73 -17.79 8.49
C TRP A 475 5.81 -16.80 9.23
N SER A 476 6.30 -15.59 9.49
CA SER A 476 5.51 -14.59 10.19
C SER A 476 5.07 -13.48 9.25
N PRO A 477 3.80 -13.04 9.29
CA PRO A 477 3.42 -11.88 8.47
C PRO A 477 4.15 -10.60 8.87
N VAL A 478 4.18 -9.66 7.93
CA VAL A 478 4.71 -8.32 8.15
C VAL A 478 3.51 -7.36 8.16
N SER A 479 3.71 -6.14 8.69
CA SER A 479 2.62 -5.16 8.79
C SER A 479 2.27 -4.43 7.48
N PHE A 480 2.61 -5.00 6.33
CA PHE A 480 2.38 -4.40 5.04
C PHE A 480 1.73 -5.45 4.11
N GLU A 481 1.10 -4.99 3.02
CA GLU A 481 0.46 -5.88 2.04
C GLU A 481 1.50 -6.53 1.12
N THR A 482 2.34 -7.39 1.72
CA THR A 482 3.37 -8.18 1.05
C THR A 482 3.74 -9.41 1.93
N MET A 483 4.63 -10.29 1.44
CA MET A 483 5.14 -11.46 2.15
C MET A 483 6.67 -11.40 2.03
N GLU A 484 7.37 -11.51 3.17
CA GLU A 484 8.83 -11.51 3.22
C GLU A 484 9.27 -12.89 3.67
N PHE A 485 10.12 -13.56 2.88
CA PHE A 485 10.66 -14.89 3.22
C PHE A 485 12.16 -14.83 3.61
N ARG A 486 12.84 -13.69 3.41
CA ARG A 486 14.24 -13.54 3.82
C ARG A 486 14.30 -13.57 5.36
N GLY A 487 15.04 -14.54 5.92
CA GLY A 487 15.14 -14.76 7.36
C GLY A 487 13.81 -15.09 8.02
N ASN A 488 12.82 -15.52 7.22
CA ASN A 488 11.46 -15.72 7.70
C ASN A 488 10.69 -16.81 6.96
N LEU A 489 11.36 -17.88 6.55
CA LEU A 489 10.70 -19.03 5.92
C LEU A 489 11.54 -20.27 6.21
N ASN A 490 11.05 -21.11 7.11
CA ASN A 490 11.73 -22.33 7.50
C ASN A 490 10.71 -23.45 7.62
N PHE A 491 11.07 -24.65 7.14
CA PHE A 491 10.19 -25.79 7.16
C PHE A 491 10.61 -26.70 8.29
N LYS A 492 9.69 -27.01 9.22
CA LYS A 492 10.02 -27.89 10.34
C LYS A 492 10.21 -29.32 9.86
C1 EDO B . -1.75 -0.24 -13.75
O1 EDO B . -1.78 1.13 -13.34
C2 EDO B . -1.03 -0.36 -15.07
O2 EDO B . -0.81 -1.73 -15.38
H11 EDO B . -2.78 -0.59 -13.84
H12 EDO B . -1.22 -0.80 -12.98
HO1 EDO B . -2.42 1.18 -12.60
H21 EDO B . -0.05 0.13 -15.02
H22 EDO B . -1.61 0.08 -15.88
HO2 EDO B . -1.70 -2.12 -15.52
#